data_7KWM
#
_entry.id   7KWM
#
_cell.length_a   89.262
_cell.length_b   89.262
_cell.length_c   163.658
_cell.angle_alpha   90.000
_cell.angle_beta   90.000
_cell.angle_gamma   120.000
#
_symmetry.space_group_name_H-M   'P 64 2 2'
#
loop_
_entity.id
_entity.type
_entity.pdbx_description
1 polymer 'C-terminal-binding protein 1'
2 non-polymer 'ADENOSINE MONOPHOSPHATE'
3 non-polymer 'CALCIUM ION'
4 water water
#
_entity_poly.entity_id   1
_entity_poly.type   'polypeptide(L)'
_entity_poly.pdbx_seq_one_letter_code
;MGSSHHHHHHSSGLVPRGSHMPLVALLDGRDCTVEMPILKDVATVAFCDAQSTQEIHEKVLNEAVGALMYHTITLTREDL
EKFKALRIIVRIGSGFDNIDIKSAGDLGIAVCNVPAASVEETADSTLCHILNLYRRATWLHQALREGTRVQSVEQIREVA
SGAARIRGETLGIIGFGRTGQAVALRAKAFGFNVLFYDPYLSDGVERALGLQRVSTLQDLLFHSDCVTLHCGLNEHNHHL
INDFTVKQMRQGAFLVNTARGGLVDEKALAQALKEGRIRGAALDVHESEPFSFSQGPLKDAPNLICTPHAAWYSEQASIE
MREEAAREIRRAITGRIPDSLKNCVNKDHL
;
_entity_poly.pdbx_strand_id   A
#
# COMPACT_ATOMS: atom_id res chain seq x y z
N HIS A 20 -5.13 -32.33 20.72
CA HIS A 20 -4.69 -31.88 19.40
C HIS A 20 -5.42 -30.61 18.99
N MET A 21 -4.67 -29.53 18.84
CA MET A 21 -5.23 -28.20 18.63
C MET A 21 -5.49 -27.95 17.16
N PRO A 22 -6.20 -26.87 16.84
CA PRO A 22 -6.39 -26.52 15.42
C PRO A 22 -5.08 -26.08 14.78
N LEU A 23 -4.99 -26.27 13.48
CA LEU A 23 -3.81 -25.90 12.73
C LEU A 23 -3.97 -24.51 12.13
N VAL A 24 -2.92 -23.69 12.25
CA VAL A 24 -2.85 -22.37 11.65
C VAL A 24 -1.61 -22.30 10.79
N ALA A 25 -1.73 -21.72 9.61
CA ALA A 25 -0.66 -21.76 8.62
C ALA A 25 -0.29 -20.35 8.18
N LEU A 26 1.00 -20.02 8.30
CA LEU A 26 1.57 -18.83 7.66
C LEU A 26 1.79 -19.18 6.20
N LEU A 27 0.92 -18.68 5.33
CA LEU A 27 0.91 -19.18 3.95
C LEU A 27 2.12 -18.70 3.18
N ASP A 28 2.32 -17.39 3.09
CA ASP A 28 3.39 -16.85 2.26
C ASP A 28 4.55 -16.32 3.10
N GLY A 29 5.12 -17.17 3.95
CA GLY A 29 6.25 -16.77 4.76
C GLY A 29 6.88 -17.98 5.43
N ARG A 30 8.02 -17.73 6.04
CA ARG A 30 8.70 -18.75 6.82
C ARG A 30 8.77 -18.45 8.31
N ASP A 31 8.83 -17.19 8.72
CA ASP A 31 9.11 -16.83 10.10
C ASP A 31 7.82 -16.67 10.87
N CYS A 32 7.66 -17.48 11.93
CA CYS A 32 6.52 -17.38 12.83
C CYS A 32 6.97 -17.09 14.26
N THR A 33 8.19 -16.59 14.45
CA THR A 33 8.74 -16.49 15.80
C THR A 33 7.93 -15.54 16.66
N VAL A 34 7.50 -14.41 16.09
CA VAL A 34 6.78 -13.43 16.89
C VAL A 34 5.39 -13.94 17.25
N GLU A 35 4.82 -14.82 16.43
CA GLU A 35 3.44 -15.21 16.63
C GLU A 35 3.29 -16.37 17.60
N MET A 36 4.30 -17.22 17.72
CA MET A 36 4.12 -18.49 18.40
C MET A 36 3.96 -18.34 19.91
N PRO A 37 4.69 -17.44 20.58
CA PRO A 37 4.42 -17.24 22.01
C PRO A 37 2.97 -16.91 22.30
N ILE A 38 2.27 -16.31 21.35
CA ILE A 38 0.87 -15.96 21.55
C ILE A 38 -0.05 -17.13 21.24
N LEU A 39 0.36 -18.03 20.34
CA LEU A 39 -0.51 -19.09 19.88
C LEU A 39 -0.10 -20.47 20.39
N LYS A 40 0.92 -20.55 21.24
CA LYS A 40 1.52 -21.85 21.56
C LYS A 40 0.47 -22.84 22.03
N ASP A 41 -0.30 -22.48 23.06
CA ASP A 41 -1.29 -23.37 23.64
C ASP A 41 -2.63 -23.30 22.95
N VAL A 42 -2.70 -22.69 21.76
CA VAL A 42 -3.96 -22.47 21.07
C VAL A 42 -4.02 -23.24 19.76
N ALA A 43 -2.94 -23.23 18.98
CA ALA A 43 -2.96 -23.86 17.67
C ALA A 43 -1.58 -24.35 17.31
N THR A 44 -1.53 -25.45 16.56
CA THR A 44 -0.31 -25.85 15.87
C THR A 44 -0.02 -24.85 14.76
N VAL A 45 1.23 -24.38 14.68
CA VAL A 45 1.62 -23.34 13.75
C VAL A 45 2.59 -23.94 12.74
N ALA A 46 2.20 -23.90 11.47
CA ALA A 46 3.05 -24.30 10.36
C ALA A 46 3.18 -23.14 9.38
N PHE A 47 4.17 -23.25 8.50
CA PHE A 47 4.38 -22.25 7.45
C PHE A 47 4.61 -22.96 6.13
N CYS A 48 4.37 -22.23 5.03
CA CYS A 48 4.45 -22.79 3.70
C CYS A 48 5.44 -22.09 2.78
N ASP A 49 5.78 -20.82 3.06
CA ASP A 49 6.70 -20.06 2.22
C ASP A 49 6.28 -20.16 0.75
N ALA A 50 4.98 -19.96 0.51
CA ALA A 50 4.38 -20.20 -0.78
C ALA A 50 4.00 -18.89 -1.46
N GLN A 51 4.45 -18.73 -2.69
CA GLN A 51 4.02 -17.59 -3.51
C GLN A 51 2.65 -17.81 -4.14
N SER A 52 2.22 -19.07 -4.23
CA SER A 52 0.93 -19.40 -4.83
C SER A 52 0.29 -20.53 -4.02
N THR A 53 -1.00 -20.76 -4.28
CA THR A 53 -1.69 -21.85 -3.61
C THR A 53 -1.19 -23.21 -4.10
N GLN A 54 -0.67 -23.28 -5.32
CA GLN A 54 -0.16 -24.55 -5.83
C GLN A 54 0.97 -25.08 -4.97
N GLU A 55 1.68 -24.22 -4.25
CA GLU A 55 2.83 -24.60 -3.47
C GLU A 55 2.49 -24.91 -2.02
N ILE A 56 1.22 -25.10 -1.69
CA ILE A 56 0.78 -25.35 -0.32
C ILE A 56 0.55 -26.85 -0.16
N HIS A 57 1.24 -27.45 0.81
CA HIS A 57 1.05 -28.86 1.10
C HIS A 57 -0.40 -29.15 1.42
N GLU A 58 -0.91 -30.28 0.92
CA GLU A 58 -2.32 -30.59 1.07
C GLU A 58 -2.72 -30.81 2.52
N LYS A 59 -1.76 -31.04 3.43
CA LYS A 59 -2.10 -31.13 4.84
C LYS A 59 -2.72 -29.83 5.34
N VAL A 60 -2.18 -28.70 4.90
CA VAL A 60 -2.73 -27.41 5.30
C VAL A 60 -4.08 -27.17 4.64
N LEU A 61 -4.18 -27.46 3.34
CA LEU A 61 -5.42 -27.20 2.62
C LEU A 61 -6.61 -27.88 3.31
N ASN A 62 -6.43 -29.14 3.70
CA ASN A 62 -7.57 -29.91 4.20
C ASN A 62 -7.82 -29.69 5.68
N GLU A 63 -6.80 -29.32 6.45
CA GLU A 63 -6.93 -29.24 7.90
C GLU A 63 -6.72 -27.84 8.48
N ALA A 64 -6.16 -26.90 7.72
CA ALA A 64 -5.88 -25.58 8.27
C ALA A 64 -7.19 -24.91 8.70
N VAL A 65 -7.27 -24.59 9.98
CA VAL A 65 -8.45 -23.90 10.52
C VAL A 65 -8.29 -22.39 10.40
N GLY A 66 -7.06 -21.89 10.54
CA GLY A 66 -6.80 -20.48 10.36
C GLY A 66 -5.60 -20.27 9.46
N ALA A 67 -5.47 -19.04 8.97
CA ALA A 67 -4.38 -18.69 8.07
C ALA A 67 -3.88 -17.28 8.35
N LEU A 68 -2.56 -17.13 8.36
CA LEU A 68 -1.89 -15.84 8.38
C LEU A 68 -1.25 -15.62 7.03
N MET A 69 -1.19 -14.35 6.60
CA MET A 69 -0.86 -14.08 5.21
C MET A 69 -0.40 -12.64 5.05
N TYR A 70 0.60 -12.44 4.20
CA TYR A 70 1.04 -11.11 3.80
C TYR A 70 0.50 -10.79 2.42
N HIS A 71 1.26 -10.05 1.61
CA HIS A 71 0.77 -9.52 0.34
C HIS A 71 1.32 -10.24 -0.88
N THR A 72 2.12 -11.30 -0.70
CA THR A 72 2.80 -11.94 -1.82
C THR A 72 2.05 -13.13 -2.39
N ILE A 73 0.88 -13.46 -1.84
CA ILE A 73 0.03 -14.50 -2.37
C ILE A 73 -1.39 -13.95 -2.50
N THR A 74 -2.08 -14.33 -3.57
CA THR A 74 -3.46 -13.93 -3.80
C THR A 74 -4.35 -15.15 -3.68
N LEU A 75 -5.53 -14.95 -3.07
CA LEU A 75 -6.49 -16.03 -2.85
C LEU A 75 -7.78 -15.66 -3.58
N THR A 76 -8.03 -16.33 -4.71
CA THR A 76 -9.27 -16.16 -5.44
C THR A 76 -10.34 -17.07 -4.87
N ARG A 77 -11.54 -17.02 -5.44
CA ARG A 77 -12.57 -17.98 -5.05
C ARG A 77 -12.10 -19.41 -5.25
N GLU A 78 -11.35 -19.65 -6.34
CA GLU A 78 -10.84 -20.99 -6.61
C GLU A 78 -9.76 -21.38 -5.61
N ASP A 79 -8.87 -20.45 -5.28
CA ASP A 79 -7.87 -20.74 -4.25
C ASP A 79 -8.54 -21.05 -2.92
N LEU A 80 -9.54 -20.27 -2.54
CA LEU A 80 -10.18 -20.45 -1.25
C LEU A 80 -11.01 -21.72 -1.20
N GLU A 81 -11.56 -22.16 -2.33
CA GLU A 81 -12.36 -23.37 -2.36
C GLU A 81 -11.52 -24.63 -2.14
N LYS A 82 -10.20 -24.54 -2.22
CA LYS A 82 -9.34 -25.69 -1.96
C LYS A 82 -9.21 -25.97 -0.47
N PHE A 83 -9.35 -24.95 0.37
CA PHE A 83 -9.32 -25.15 1.81
C PHE A 83 -10.61 -25.81 2.27
N LYS A 84 -10.47 -26.91 3.02
CA LYS A 84 -11.63 -27.71 3.42
C LYS A 84 -12.04 -27.47 4.87
N ALA A 85 -11.22 -26.80 5.66
CA ALA A 85 -11.55 -26.54 7.06
C ALA A 85 -11.22 -25.13 7.51
N LEU A 86 -10.72 -24.28 6.63
CA LEU A 86 -10.33 -22.93 7.02
C LEU A 86 -11.56 -22.11 7.41
N ARG A 87 -11.46 -21.37 8.50
CA ARG A 87 -12.55 -20.54 8.97
C ARG A 87 -12.14 -19.10 9.25
N ILE A 88 -10.85 -18.80 9.30
CA ILE A 88 -10.39 -17.44 9.47
C ILE A 88 -9.14 -17.23 8.63
N ILE A 89 -9.06 -16.05 8.02
CA ILE A 89 -7.84 -15.57 7.38
C ILE A 89 -7.53 -14.20 7.97
N VAL A 90 -6.30 -14.02 8.45
CA VAL A 90 -5.86 -12.75 9.01
C VAL A 90 -4.71 -12.25 8.16
N ARG A 91 -4.94 -11.11 7.50
CA ARG A 91 -3.90 -10.45 6.73
C ARG A 91 -3.01 -9.66 7.68
N ILE A 92 -1.73 -10.01 7.73
CA ILE A 92 -0.75 -9.30 8.54
C ILE A 92 -0.42 -7.99 7.86
N GLY A 93 -1.28 -7.00 8.02
CA GLY A 93 -1.16 -5.74 7.31
C GLY A 93 -2.52 -5.15 7.03
N SER A 94 -2.51 -3.94 6.48
CA SER A 94 -3.75 -3.18 6.33
C SER A 94 -4.52 -3.60 5.09
N GLY A 95 -3.85 -3.72 3.95
CA GLY A 95 -4.54 -3.99 2.69
C GLY A 95 -4.91 -5.45 2.54
N PHE A 96 -6.09 -5.69 1.94
CA PHE A 96 -6.56 -7.05 1.69
C PHE A 96 -7.06 -7.23 0.26
N ASP A 97 -6.58 -6.40 -0.68
CA ASP A 97 -7.01 -6.52 -2.06
C ASP A 97 -6.57 -7.83 -2.69
N ASN A 98 -5.63 -8.54 -2.05
CA ASN A 98 -5.14 -9.80 -2.59
C ASN A 98 -6.01 -10.99 -2.16
N ILE A 99 -7.14 -10.73 -1.53
CA ILE A 99 -8.05 -11.78 -1.08
C ILE A 99 -9.45 -11.46 -1.58
N ASP A 100 -10.09 -12.43 -2.23
CA ASP A 100 -11.49 -12.33 -2.58
C ASP A 100 -12.35 -12.38 -1.32
N ILE A 101 -12.56 -11.24 -0.67
CA ILE A 101 -13.18 -11.26 0.64
C ILE A 101 -14.64 -11.65 0.56
N LYS A 102 -15.32 -11.29 -0.53
CA LYS A 102 -16.74 -11.60 -0.64
C LYS A 102 -16.97 -13.09 -0.88
N SER A 103 -16.12 -13.72 -1.70
CA SER A 103 -16.18 -15.17 -1.86
C SER A 103 -15.75 -15.89 -0.58
N ALA A 104 -14.73 -15.36 0.09
CA ALA A 104 -14.33 -15.91 1.38
C ALA A 104 -15.50 -15.88 2.36
N GLY A 105 -16.26 -14.78 2.37
CA GLY A 105 -17.44 -14.71 3.21
C GLY A 105 -18.52 -15.69 2.78
N ASP A 106 -18.73 -15.81 1.46
CA ASP A 106 -19.69 -16.79 0.96
C ASP A 106 -19.34 -18.19 1.46
N LEU A 107 -18.06 -18.55 1.40
CA LEU A 107 -17.59 -19.85 1.86
C LEU A 107 -17.52 -19.96 3.37
N GLY A 108 -17.93 -18.92 4.11
CA GLY A 108 -17.93 -19.00 5.56
C GLY A 108 -16.58 -18.77 6.20
N ILE A 109 -15.72 -17.98 5.57
CA ILE A 109 -14.38 -17.72 6.09
C ILE A 109 -14.29 -16.23 6.41
N ALA A 110 -14.07 -15.91 7.68
CA ALA A 110 -13.84 -14.53 8.08
C ALA A 110 -12.46 -14.08 7.61
N VAL A 111 -12.39 -12.86 7.08
CA VAL A 111 -11.14 -12.25 6.66
C VAL A 111 -10.93 -11.01 7.51
N CYS A 112 -9.73 -10.89 8.09
CA CYS A 112 -9.39 -9.78 8.96
C CYS A 112 -8.08 -9.15 8.50
N ASN A 113 -7.80 -7.96 9.03
CA ASN A 113 -6.56 -7.26 8.72
C ASN A 113 -6.03 -6.63 10.00
N VAL A 114 -4.89 -5.95 9.86
CA VAL A 114 -4.26 -5.21 10.96
C VAL A 114 -4.01 -3.80 10.43
N PRO A 115 -4.90 -2.83 10.69
CA PRO A 115 -4.80 -1.58 9.93
C PRO A 115 -3.91 -0.50 10.53
N ALA A 116 -3.67 -0.52 11.83
CA ALA A 116 -3.11 0.66 12.50
C ALA A 116 -1.60 0.65 12.59
N ALA A 117 -0.94 -0.49 12.39
CA ALA A 117 0.45 -0.61 12.80
C ALA A 117 1.38 0.29 11.99
N SER A 118 1.08 0.51 10.71
CA SER A 118 2.02 1.19 9.82
C SER A 118 1.46 2.49 9.26
N VAL A 119 0.48 3.10 9.94
CA VAL A 119 -0.09 4.34 9.42
C VAL A 119 0.98 5.41 9.29
N GLU A 120 1.71 5.67 10.38
CA GLU A 120 2.68 6.75 10.37
C GLU A 120 3.95 6.37 9.63
N GLU A 121 4.36 5.11 9.67
CA GLU A 121 5.48 4.66 8.85
C GLU A 121 5.23 4.98 7.38
N THR A 122 4.04 4.62 6.88
CA THR A 122 3.74 4.87 5.47
C THR A 122 3.68 6.35 5.16
N ALA A 123 3.06 7.15 6.04
CA ALA A 123 3.02 8.59 5.82
C ALA A 123 4.43 9.18 5.82
N ASP A 124 5.32 8.63 6.64
CA ASP A 124 6.70 9.11 6.65
C ASP A 124 7.42 8.72 5.37
N SER A 125 7.24 7.48 4.92
CA SER A 125 7.79 7.08 3.63
C SER A 125 7.23 7.94 2.51
N THR A 126 5.93 8.23 2.57
CA THR A 126 5.31 9.06 1.55
C THR A 126 5.96 10.44 1.52
N LEU A 127 6.03 11.11 2.67
CA LEU A 127 6.65 12.42 2.72
C LEU A 127 8.10 12.36 2.25
N CYS A 128 8.80 11.26 2.56
CA CYS A 128 10.16 11.10 2.07
C CYS A 128 10.21 11.08 0.55
N HIS A 129 9.28 10.37 -0.08
CA HIS A 129 9.25 10.31 -1.53
C HIS A 129 8.81 11.64 -2.13
N ILE A 130 7.87 12.32 -1.48
CA ILE A 130 7.45 13.64 -1.95
C ILE A 130 8.62 14.60 -1.92
N LEU A 131 9.36 14.63 -0.80
CA LEU A 131 10.51 15.51 -0.70
C LEU A 131 11.63 15.06 -1.63
N ASN A 132 11.76 13.76 -1.87
CA ASN A 132 12.77 13.27 -2.81
C ASN A 132 12.51 13.78 -4.22
N LEU A 133 11.24 13.93 -4.60
CA LEU A 133 10.92 14.49 -5.91
C LEU A 133 11.19 16.01 -5.93
N TYR A 134 10.66 16.73 -4.93
CA TYR A 134 10.81 18.18 -4.95
C TYR A 134 12.25 18.61 -4.74
N ARG A 135 13.04 17.83 -4.00
CA ARG A 135 14.41 18.19 -3.67
C ARG A 135 15.45 17.40 -4.43
N ARG A 136 15.08 16.27 -5.04
CA ARG A 136 15.97 15.46 -5.86
C ARG A 136 17.16 14.92 -5.08
N ALA A 137 17.02 14.76 -3.76
CA ALA A 137 18.13 14.27 -2.96
C ALA A 137 18.56 12.88 -3.40
N THR A 138 17.61 12.00 -3.68
CA THR A 138 17.96 10.64 -4.10
C THR A 138 18.64 10.66 -5.47
N TRP A 139 18.11 11.44 -6.41
CA TRP A 139 18.75 11.55 -7.72
C TRP A 139 20.10 12.22 -7.61
N LEU A 140 20.22 13.24 -6.74
CA LEU A 140 21.50 13.92 -6.56
C LEU A 140 22.55 12.97 -6.01
N HIS A 141 22.15 12.06 -5.11
CA HIS A 141 23.10 11.11 -4.56
C HIS A 141 23.55 10.13 -5.63
N GLN A 142 22.63 9.68 -6.48
CA GLN A 142 23.02 8.81 -7.59
C GLN A 142 24.07 9.49 -8.47
N ALA A 143 23.86 10.76 -8.80
CA ALA A 143 24.80 11.47 -9.67
C ALA A 143 26.20 11.46 -9.07
N LEU A 144 26.31 11.57 -7.74
CA LEU A 144 27.61 11.49 -7.10
C LEU A 144 28.14 10.06 -7.09
N ARG A 145 27.25 9.07 -6.95
CA ARG A 145 27.67 7.68 -7.07
C ARG A 145 28.21 7.38 -8.46
N GLU A 146 27.60 7.97 -9.49
CA GLU A 146 28.03 7.77 -10.86
C GLU A 146 29.22 8.64 -11.24
N GLY A 147 29.72 9.46 -10.32
CA GLY A 147 30.96 10.18 -10.52
C GLY A 147 30.81 11.62 -10.98
N THR A 148 29.59 12.14 -11.07
CA THR A 148 29.41 13.52 -11.52
C THR A 148 30.21 14.46 -10.63
N ARG A 149 30.83 15.46 -11.25
CA ARG A 149 31.61 16.48 -10.57
C ARG A 149 30.80 17.77 -10.54
N VAL A 150 30.52 18.27 -9.35
CA VAL A 150 29.67 19.45 -9.16
C VAL A 150 30.51 20.48 -8.42
N GLN A 151 31.26 21.29 -9.17
CA GLN A 151 32.21 22.23 -8.59
C GLN A 151 31.65 23.65 -8.49
N SER A 152 31.05 24.17 -9.55
CA SER A 152 30.57 25.54 -9.58
C SER A 152 29.14 25.63 -9.09
N VAL A 153 28.75 26.82 -8.64
CA VAL A 153 27.37 27.08 -8.32
C VAL A 153 26.46 26.70 -9.50
N GLU A 154 26.96 26.83 -10.76
CA GLU A 154 26.31 26.65 -12.05
C GLU A 154 26.18 25.20 -12.46
N GLN A 155 27.13 24.31 -12.10
CA GLN A 155 26.89 22.85 -12.13
C GLN A 155 25.89 22.35 -11.07
N ILE A 156 25.82 23.03 -9.92
CA ILE A 156 24.81 22.73 -8.92
C ILE A 156 23.41 22.94 -9.50
N ARG A 157 23.18 24.11 -10.10
CA ARG A 157 21.86 24.40 -10.65
C ARG A 157 21.51 23.40 -11.74
N GLU A 158 22.48 23.03 -12.57
CA GLU A 158 22.21 22.09 -13.65
C GLU A 158 21.92 20.69 -13.10
N VAL A 159 22.79 20.18 -12.23
CA VAL A 159 22.60 18.83 -11.71
C VAL A 159 21.34 18.76 -10.86
N ALA A 160 21.02 19.83 -10.14
CA ALA A 160 19.82 19.90 -9.32
C ALA A 160 18.64 20.49 -10.07
N SER A 161 18.76 20.69 -11.37
CA SER A 161 17.69 21.28 -12.16
C SER A 161 16.40 20.50 -11.97
N GLY A 162 15.31 21.21 -11.68
CA GLY A 162 14.03 20.62 -11.39
C GLY A 162 13.60 20.76 -9.94
N ALA A 163 14.56 20.84 -9.02
CA ALA A 163 14.25 21.11 -7.62
C ALA A 163 13.41 22.37 -7.52
N ALA A 164 12.31 22.29 -6.77
CA ALA A 164 11.32 23.36 -6.75
C ALA A 164 10.96 23.75 -5.32
N ARG A 165 10.56 25.01 -5.17
CA ARG A 165 10.10 25.51 -3.89
C ARG A 165 8.75 24.89 -3.55
N ILE A 166 8.60 24.43 -2.32
CA ILE A 166 7.41 23.69 -1.95
C ILE A 166 6.27 24.60 -1.50
N ARG A 167 6.59 25.70 -0.80
CA ARG A 167 5.52 26.57 -0.31
C ARG A 167 4.70 27.10 -1.48
N GLY A 168 3.39 26.93 -1.39
CA GLY A 168 2.47 27.34 -2.42
C GLY A 168 2.04 26.22 -3.35
N GLU A 169 2.86 25.17 -3.46
CA GLU A 169 2.48 24.01 -4.25
C GLU A 169 1.26 23.35 -3.63
N THR A 170 0.50 22.64 -4.47
CA THR A 170 -0.74 21.99 -4.06
C THR A 170 -0.53 20.48 -4.06
N LEU A 171 -0.79 19.85 -2.91
CA LEU A 171 -0.72 18.40 -2.78
C LEU A 171 -2.13 17.85 -2.80
N GLY A 172 -2.42 16.98 -3.76
CA GLY A 172 -3.70 16.34 -3.88
C GLY A 172 -3.67 14.93 -3.36
N ILE A 173 -4.44 14.68 -2.31
CA ILE A 173 -4.48 13.38 -1.65
C ILE A 173 -5.72 12.63 -2.14
N ILE A 174 -5.51 11.46 -2.72
CA ILE A 174 -6.60 10.56 -3.09
C ILE A 174 -6.71 9.52 -1.99
N GLY A 175 -7.81 9.57 -1.23
CA GLY A 175 -7.97 8.70 -0.08
C GLY A 175 -7.62 9.41 1.21
N PHE A 176 -8.64 9.80 1.97
CA PHE A 176 -8.45 10.61 3.16
C PHE A 176 -8.76 9.80 4.41
N GLY A 177 -8.20 8.59 4.50
CA GLY A 177 -8.33 7.78 5.69
C GLY A 177 -7.20 8.03 6.67
N ARG A 178 -6.75 6.99 7.36
CA ARG A 178 -5.75 7.19 8.40
C ARG A 178 -4.42 7.67 7.81
N THR A 179 -3.88 6.93 6.84
CA THR A 179 -2.60 7.33 6.24
C THR A 179 -2.74 8.66 5.51
N GLY A 180 -3.82 8.84 4.76
CA GLY A 180 -4.01 10.09 4.03
C GLY A 180 -4.02 11.30 4.96
N GLN A 181 -4.68 11.18 6.11
CA GLN A 181 -4.74 12.30 7.03
C GLN A 181 -3.39 12.56 7.70
N ALA A 182 -2.62 11.51 7.97
CA ALA A 182 -1.27 11.71 8.48
C ALA A 182 -0.39 12.41 7.46
N VAL A 183 -0.57 12.06 6.17
CA VAL A 183 0.14 12.76 5.10
C VAL A 183 -0.22 14.23 5.11
N ALA A 184 -1.51 14.54 5.20
CA ALA A 184 -1.97 15.92 5.17
C ALA A 184 -1.35 16.72 6.31
N LEU A 185 -1.42 16.19 7.53
CA LEU A 185 -0.87 16.90 8.68
C LEU A 185 0.60 17.26 8.46
N ARG A 186 1.40 16.28 8.02
CA ARG A 186 2.81 16.54 7.77
C ARG A 186 2.99 17.54 6.63
N ALA A 187 2.24 17.34 5.54
CA ALA A 187 2.39 18.22 4.38
C ALA A 187 2.11 19.67 4.73
N LYS A 188 1.18 19.92 5.65
CA LYS A 188 0.84 21.30 6.00
C LYS A 188 2.05 22.04 6.54
N ALA A 189 2.92 21.35 7.29
CA ALA A 189 4.04 22.01 7.93
C ALA A 189 5.09 22.48 6.94
N PHE A 190 5.13 21.89 5.74
CA PHE A 190 6.09 22.31 4.71
C PHE A 190 5.56 23.42 3.84
N GLY A 191 4.33 23.87 4.06
CA GLY A 191 3.73 24.93 3.26
C GLY A 191 2.88 24.46 2.10
N PHE A 192 2.62 23.16 1.98
CA PHE A 192 1.74 22.67 0.93
C PHE A 192 0.33 23.23 1.13
N ASN A 193 -0.36 23.43 0.01
CA ASN A 193 -1.80 23.64 0.00
C ASN A 193 -2.43 22.28 -0.27
N VAL A 194 -3.07 21.70 0.74
CA VAL A 194 -3.47 20.30 0.70
C VAL A 194 -4.95 20.20 0.39
N LEU A 195 -5.27 19.49 -0.69
CA LEU A 195 -6.62 19.06 -1.03
C LEU A 195 -6.69 17.55 -0.93
N PHE A 196 -7.91 17.02 -0.81
CA PHE A 196 -8.12 15.59 -0.86
C PHE A 196 -9.43 15.28 -1.59
N TYR A 197 -9.50 14.07 -2.13
CA TYR A 197 -10.69 13.54 -2.79
C TYR A 197 -10.98 12.18 -2.18
N ASP A 198 -12.14 12.04 -1.56
CA ASP A 198 -12.54 10.77 -0.95
C ASP A 198 -14.07 10.70 -1.05
N PRO A 199 -14.59 10.01 -2.07
CA PRO A 199 -16.04 10.06 -2.31
C PRO A 199 -16.89 9.28 -1.31
N TYR A 200 -16.28 8.68 -0.28
CA TYR A 200 -17.01 7.86 0.68
C TYR A 200 -17.15 8.51 2.05
N LEU A 201 -16.44 9.60 2.32
CA LEU A 201 -16.50 10.21 3.64
C LEU A 201 -17.70 11.15 3.75
N SER A 202 -18.15 11.34 4.99
CA SER A 202 -19.32 12.15 5.24
C SER A 202 -19.00 13.64 5.07
N ASP A 203 -20.07 14.45 5.07
CA ASP A 203 -19.93 15.88 4.87
C ASP A 203 -19.23 16.52 6.06
N GLY A 204 -18.16 17.27 5.78
CA GLY A 204 -17.52 18.09 6.78
C GLY A 204 -16.22 17.57 7.34
N VAL A 205 -15.75 16.40 6.90
CA VAL A 205 -14.49 15.89 7.43
C VAL A 205 -13.34 16.84 7.11
N GLU A 206 -13.47 17.59 6.01
CA GLU A 206 -12.42 18.56 5.66
C GLU A 206 -12.34 19.68 6.67
N ARG A 207 -13.46 20.01 7.33
CA ARG A 207 -13.50 21.17 8.21
C ARG A 207 -12.78 20.90 9.52
N ALA A 208 -12.97 19.71 10.10
CA ALA A 208 -12.31 19.39 11.35
C ALA A 208 -10.80 19.52 11.25
N LEU A 209 -10.24 19.30 10.07
CA LEU A 209 -8.80 19.24 9.88
C LEU A 209 -8.27 20.44 9.11
N GLY A 210 -9.12 21.40 8.76
CA GLY A 210 -8.66 22.63 8.15
C GLY A 210 -8.16 22.47 6.73
N LEU A 211 -8.84 21.66 5.93
CA LEU A 211 -8.40 21.37 4.58
C LEU A 211 -9.53 21.63 3.59
N GLN A 212 -9.15 21.73 2.32
CA GLN A 212 -10.10 21.86 1.22
C GLN A 212 -10.34 20.48 0.63
N ARG A 213 -11.60 20.22 0.26
CA ARG A 213 -12.01 18.96 -0.34
C ARG A 213 -12.62 19.24 -1.70
N VAL A 214 -12.49 18.27 -2.60
CA VAL A 214 -13.03 18.37 -3.95
C VAL A 214 -13.95 17.19 -4.21
N SER A 215 -14.86 17.37 -5.16
CA SER A 215 -15.92 16.40 -5.38
C SER A 215 -15.48 15.24 -6.26
N THR A 216 -14.55 15.47 -7.18
CA THR A 216 -14.24 14.51 -8.22
C THR A 216 -12.74 14.34 -8.35
N LEU A 217 -12.35 13.19 -8.92
CA LEU A 217 -10.94 12.94 -9.21
C LEU A 217 -10.40 13.98 -10.19
N GLN A 218 -11.21 14.35 -11.19
CA GLN A 218 -10.76 15.32 -12.18
C GLN A 218 -10.36 16.64 -11.52
N ASP A 219 -11.18 17.10 -10.57
CA ASP A 219 -10.85 18.35 -9.87
C ASP A 219 -9.54 18.21 -9.10
N LEU A 220 -9.37 17.11 -8.37
CA LEU A 220 -8.14 16.90 -7.61
C LEU A 220 -6.93 16.94 -8.54
N LEU A 221 -6.95 16.13 -9.60
CA LEU A 221 -5.81 16.12 -10.52
C LEU A 221 -5.62 17.47 -11.18
N PHE A 222 -6.71 18.22 -11.38
CA PHE A 222 -6.62 19.51 -12.08
C PHE A 222 -5.83 20.52 -11.26
N HIS A 223 -5.98 20.49 -9.93
CA HIS A 223 -5.44 21.53 -9.07
C HIS A 223 -4.14 21.14 -8.39
N SER A 224 -3.71 19.89 -8.50
CA SER A 224 -2.59 19.38 -7.71
C SER A 224 -1.31 19.37 -8.53
N ASP A 225 -0.26 19.98 -7.97
CA ASP A 225 1.07 19.86 -8.56
C ASP A 225 1.69 18.50 -8.24
N CYS A 226 1.28 17.87 -7.14
CA CYS A 226 1.79 16.57 -6.73
C CYS A 226 0.60 15.74 -6.25
N VAL A 227 0.41 14.57 -6.84
CA VAL A 227 -0.69 13.68 -6.52
C VAL A 227 -0.14 12.47 -5.77
N THR A 228 -0.71 12.19 -4.60
CA THR A 228 -0.30 11.05 -3.78
C THR A 228 -1.52 10.19 -3.48
N LEU A 229 -1.33 8.88 -3.55
CA LEU A 229 -2.41 7.91 -3.45
C LEU A 229 -2.39 7.25 -2.07
N HIS A 230 -3.56 7.17 -1.44
CA HIS A 230 -3.67 6.64 -0.09
C HIS A 230 -5.02 5.99 0.11
N CYS A 231 -5.51 5.30 -0.92
CA CYS A 231 -6.76 4.57 -0.87
C CYS A 231 -6.47 3.09 -1.11
N GLY A 232 -7.31 2.23 -0.54
CA GLY A 232 -7.23 0.82 -0.85
C GLY A 232 -7.57 0.54 -2.30
N LEU A 233 -7.17 -0.65 -2.75
CA LEU A 233 -7.51 -1.13 -4.09
C LEU A 233 -8.79 -1.96 -3.98
N ASN A 234 -9.86 -1.45 -4.58
CA ASN A 234 -11.16 -2.12 -4.57
C ASN A 234 -11.63 -2.34 -6.00
N GLU A 235 -12.82 -2.90 -6.14
CA GLU A 235 -13.34 -3.29 -7.45
C GLU A 235 -13.62 -2.10 -8.34
N HIS A 236 -13.67 -0.88 -7.81
CA HIS A 236 -14.09 0.28 -8.57
C HIS A 236 -12.97 1.25 -8.90
N ASN A 237 -11.73 0.97 -8.50
CA ASN A 237 -10.68 1.93 -8.78
C ASN A 237 -9.41 1.26 -9.30
N HIS A 238 -9.53 0.11 -9.95
CA HIS A 238 -8.38 -0.45 -10.65
CA HIS A 238 -8.39 -0.46 -10.66
C HIS A 238 -7.97 0.49 -11.77
N HIS A 239 -6.68 0.78 -11.84
CA HIS A 239 -6.16 1.73 -12.82
C HIS A 239 -6.86 3.08 -12.70
N LEU A 240 -7.04 3.54 -11.45
CA LEU A 240 -7.59 4.88 -11.23
C LEU A 240 -6.80 5.92 -12.01
N ILE A 241 -5.48 5.81 -11.99
CA ILE A 241 -4.61 6.62 -12.82
C ILE A 241 -4.40 5.85 -14.12
N ASN A 242 -5.05 6.31 -15.20
CA ASN A 242 -5.00 5.64 -16.49
C ASN A 242 -4.66 6.68 -17.56
N ASP A 243 -4.59 6.22 -18.81
CA ASP A 243 -4.26 7.13 -19.90
C ASP A 243 -5.20 8.32 -19.95
N PHE A 244 -6.48 8.10 -19.62
CA PHE A 244 -7.44 9.19 -19.64
C PHE A 244 -7.21 10.17 -18.50
N THR A 245 -7.18 9.66 -17.26
CA THR A 245 -7.05 10.54 -16.11
C THR A 245 -5.66 11.15 -16.00
N VAL A 246 -4.65 10.55 -16.64
CA VAL A 246 -3.32 11.17 -16.63
C VAL A 246 -3.33 12.46 -17.44
N LYS A 247 -4.13 12.52 -18.51
CA LYS A 247 -4.26 13.76 -19.27
C LYS A 247 -4.90 14.87 -18.45
N GLN A 248 -5.63 14.53 -17.39
CA GLN A 248 -6.22 15.54 -16.52
C GLN A 248 -5.24 16.07 -15.48
N MET A 249 -4.04 15.51 -15.41
CA MET A 249 -3.05 15.99 -14.47
C MET A 249 -2.33 17.22 -15.01
N ARG A 250 -1.96 18.12 -14.11
CA ARG A 250 -1.25 19.33 -14.50
C ARG A 250 0.07 18.97 -15.16
N GLN A 251 0.47 19.79 -16.13
CA GLN A 251 1.72 19.57 -16.84
C GLN A 251 2.89 19.63 -15.87
N GLY A 252 3.75 18.62 -15.92
CA GLY A 252 4.89 18.57 -15.02
C GLY A 252 4.54 18.24 -13.58
N ALA A 253 3.46 17.50 -13.38
CA ALA A 253 3.01 17.14 -12.05
C ALA A 253 3.81 15.96 -11.50
N PHE A 254 3.76 15.79 -10.19
CA PHE A 254 4.38 14.66 -9.52
C PHE A 254 3.31 13.63 -9.16
N LEU A 255 3.69 12.36 -9.20
CA LEU A 255 2.84 11.26 -8.73
C LEU A 255 3.60 10.47 -7.69
N VAL A 256 2.94 10.14 -6.59
CA VAL A 256 3.50 9.30 -5.54
C VAL A 256 2.50 8.20 -5.23
N ASN A 257 3.01 6.97 -5.06
CA ASN A 257 2.15 5.82 -4.77
C ASN A 257 2.84 4.92 -3.75
N THR A 258 2.36 4.97 -2.52
CA THR A 258 2.73 4.02 -1.48
C THR A 258 1.54 3.15 -1.07
N ALA A 259 0.49 3.14 -1.88
CA ALA A 259 -0.75 2.43 -1.56
C ALA A 259 -0.79 1.06 -2.22
N ARG A 260 -1.23 1.01 -3.47
CA ARG A 260 -1.33 -0.27 -4.17
C ARG A 260 -0.94 -0.08 -5.63
N GLY A 261 -0.15 -1.03 -6.15
CA GLY A 261 0.32 -0.93 -7.52
C GLY A 261 -0.80 -0.98 -8.54
N GLY A 262 -1.86 -1.73 -8.25
CA GLY A 262 -2.96 -1.88 -9.20
C GLY A 262 -3.75 -0.61 -9.44
N LEU A 263 -3.45 0.46 -8.71
CA LEU A 263 -4.18 1.71 -8.88
C LEU A 263 -3.69 2.51 -10.08
N VAL A 264 -2.56 2.14 -10.69
CA VAL A 264 -1.92 2.94 -11.72
C VAL A 264 -1.69 2.08 -12.94
N ASP A 265 -2.04 2.60 -14.12
CA ASP A 265 -1.67 2.01 -15.40
C ASP A 265 -0.24 2.43 -15.70
N GLU A 266 0.72 1.53 -15.47
CA GLU A 266 2.12 1.88 -15.63
C GLU A 266 2.46 2.18 -17.09
N LYS A 267 1.78 1.55 -18.05
CA LYS A 267 1.99 1.90 -19.45
C LYS A 267 1.67 3.37 -19.67
N ALA A 268 0.55 3.85 -19.12
CA ALA A 268 0.21 5.27 -19.22
C ALA A 268 1.25 6.13 -18.53
N LEU A 269 1.67 5.73 -17.32
CA LEU A 269 2.65 6.51 -16.58
C LEU A 269 3.99 6.54 -17.30
N ALA A 270 4.43 5.39 -17.80
CA ALA A 270 5.71 5.33 -18.51
C ALA A 270 5.74 6.37 -19.64
N GLN A 271 4.67 6.45 -20.42
CA GLN A 271 4.63 7.40 -21.52
C GLN A 271 4.61 8.84 -21.00
N ALA A 272 3.82 9.10 -19.95
CA ALA A 272 3.75 10.45 -19.41
C ALA A 272 5.12 10.93 -18.94
N LEU A 273 5.88 10.05 -18.28
CA LEU A 273 7.22 10.42 -17.84
C LEU A 273 8.15 10.67 -19.02
N LYS A 274 8.04 9.84 -20.06
CA LYS A 274 8.92 9.99 -21.21
C LYS A 274 8.65 11.29 -21.96
N GLU A 275 7.38 11.68 -22.07
CA GLU A 275 7.00 12.91 -22.76
C GLU A 275 7.06 14.14 -21.86
N GLY A 276 7.29 13.96 -20.57
CA GLY A 276 7.39 15.08 -19.67
C GLY A 276 6.08 15.61 -19.12
N ARG A 277 4.95 14.99 -19.48
CA ARG A 277 3.68 15.41 -18.90
C ARG A 277 3.67 15.20 -17.39
N ILE A 278 4.41 14.20 -16.90
CA ILE A 278 4.66 14.00 -15.49
C ILE A 278 6.16 14.15 -15.27
N ARG A 279 6.55 15.07 -14.39
CA ARG A 279 7.97 15.37 -14.20
C ARG A 279 8.69 14.28 -13.41
N GLY A 280 7.97 13.53 -12.58
CA GLY A 280 8.59 12.49 -11.79
C GLY A 280 7.57 11.70 -11.03
N ALA A 281 7.95 10.47 -10.66
CA ALA A 281 7.08 9.57 -9.94
C ALA A 281 7.89 8.79 -8.92
N ALA A 282 7.33 8.63 -7.72
CA ALA A 282 7.93 7.86 -6.65
C ALA A 282 6.96 6.74 -6.29
N LEU A 283 7.40 5.50 -6.46
CA LEU A 283 6.51 4.34 -6.32
C LEU A 283 7.12 3.32 -5.38
N ASP A 284 6.45 3.07 -4.26
CA ASP A 284 6.78 1.98 -3.37
C ASP A 284 6.07 0.68 -3.75
N VAL A 285 5.04 0.77 -4.58
CA VAL A 285 4.26 -0.39 -5.02
C VAL A 285 4.18 -0.36 -6.54
N HIS A 286 3.87 -1.52 -7.13
CA HIS A 286 3.87 -1.65 -8.57
C HIS A 286 2.84 -2.69 -8.99
N GLU A 287 2.49 -2.66 -10.28
CA GLU A 287 1.50 -3.59 -10.80
C GLU A 287 1.97 -5.03 -10.64
N SER A 288 3.24 -5.30 -10.93
CA SER A 288 3.84 -6.62 -10.77
C SER A 288 5.03 -6.50 -9.82
N GLU A 289 4.96 -7.20 -8.69
CA GLU A 289 6.03 -7.24 -7.71
C GLU A 289 6.57 -8.66 -7.59
N PRO A 290 7.89 -8.83 -7.35
CA PRO A 290 8.87 -7.77 -7.09
C PRO A 290 9.23 -6.90 -8.31
N PHE A 291 9.54 -5.64 -8.06
CA PHE A 291 9.84 -4.69 -9.12
C PHE A 291 11.29 -4.82 -9.57
N SER A 292 11.51 -4.56 -10.85
CA SER A 292 12.84 -4.55 -11.43
C SER A 292 12.96 -3.40 -12.42
N PHE A 293 14.09 -2.71 -12.39
CA PHE A 293 14.34 -1.65 -13.36
C PHE A 293 14.64 -2.18 -14.76
N SER A 294 14.65 -3.50 -14.93
CA SER A 294 14.94 -4.12 -16.22
C SER A 294 13.76 -4.84 -16.82
N GLN A 295 12.67 -5.04 -16.07
CA GLN A 295 11.48 -5.71 -16.57
C GLN A 295 10.27 -4.82 -16.31
N GLY A 296 9.37 -4.76 -17.29
CA GLY A 296 8.11 -4.09 -17.10
C GLY A 296 7.94 -2.85 -17.95
N PRO A 297 6.75 -2.24 -17.88
CA PRO A 297 6.48 -1.07 -18.73
C PRO A 297 7.33 0.15 -18.38
N LEU A 298 7.84 0.24 -17.15
CA LEU A 298 8.73 1.32 -16.77
C LEU A 298 10.20 0.96 -16.97
N LYS A 299 10.48 0.01 -17.87
CA LYS A 299 11.84 -0.45 -18.09
C LYS A 299 12.79 0.73 -18.32
N ASP A 300 12.38 1.68 -19.16
CA ASP A 300 13.24 2.79 -19.53
C ASP A 300 12.57 4.14 -19.27
N ALA A 301 11.73 4.22 -18.25
CA ALA A 301 11.06 5.48 -17.94
C ALA A 301 11.98 6.39 -17.14
N PRO A 302 12.02 7.68 -17.45
CA PRO A 302 12.89 8.60 -16.72
C PRO A 302 12.21 9.19 -15.50
N ASN A 303 13.04 9.78 -14.63
CA ASN A 303 12.58 10.49 -13.43
C ASN A 303 11.72 9.58 -12.57
N LEU A 304 12.22 8.37 -12.33
CA LEU A 304 11.50 7.35 -11.57
C LEU A 304 12.28 7.00 -10.32
N ILE A 305 11.62 7.09 -9.17
CA ILE A 305 12.16 6.60 -7.91
C ILE A 305 11.29 5.43 -7.46
N CYS A 306 11.93 4.36 -7.01
CA CYS A 306 11.22 3.15 -6.64
C CYS A 306 11.81 2.55 -5.37
N THR A 307 10.93 2.05 -4.51
CA THR A 307 11.28 1.29 -3.32
C THR A 307 10.52 -0.02 -3.35
N PRO A 308 11.08 -1.10 -2.78
CA PRO A 308 10.45 -2.42 -2.96
C PRO A 308 9.38 -2.74 -1.92
N HIS A 309 8.29 -1.98 -1.97
CA HIS A 309 7.14 -2.21 -1.09
C HIS A 309 7.58 -2.26 0.37
N ALA A 310 8.28 -1.20 0.79
CA ALA A 310 8.80 -1.12 2.16
C ALA A 310 8.29 0.10 2.90
N ALA A 311 7.40 0.90 2.31
CA ALA A 311 6.93 2.10 2.98
C ALA A 311 6.33 1.78 4.35
N TRP A 312 5.84 0.55 4.54
CA TRP A 312 5.16 0.19 5.77
C TRP A 312 6.10 -0.23 6.87
N TYR A 313 7.36 -0.53 6.56
CA TYR A 313 8.18 -1.31 7.46
C TYR A 313 8.96 -0.42 8.43
N SER A 314 8.76 -0.67 9.71
CA SER A 314 9.69 -0.34 10.77
C SER A 314 9.81 -1.59 11.64
N GLU A 315 10.86 -1.66 12.45
CA GLU A 315 10.98 -2.81 13.34
C GLU A 315 9.80 -2.88 14.31
N GLN A 316 9.42 -1.74 14.88
CA GLN A 316 8.31 -1.73 15.84
C GLN A 316 6.99 -1.99 15.14
N ALA A 317 6.82 -1.50 13.91
CA ALA A 317 5.59 -1.74 13.17
C ALA A 317 5.46 -3.22 12.81
N SER A 318 6.56 -3.83 12.38
CA SER A 318 6.52 -5.24 11.98
C SER A 318 6.16 -6.12 13.16
N ILE A 319 6.70 -5.83 14.35
CA ILE A 319 6.38 -6.61 15.52
C ILE A 319 4.92 -6.37 15.93
N GLU A 320 4.50 -5.10 15.95
CA GLU A 320 3.16 -4.77 16.37
C GLU A 320 2.12 -5.50 15.54
N MET A 321 2.26 -5.47 14.21
CA MET A 321 1.26 -6.08 13.35
C MET A 321 1.21 -7.59 13.51
N ARG A 322 2.37 -8.22 13.71
CA ARG A 322 2.41 -9.68 13.82
C ARG A 322 1.81 -10.14 15.15
N GLU A 323 2.07 -9.40 16.23
CA GLU A 323 1.45 -9.74 17.51
C GLU A 323 -0.05 -9.53 17.46
N GLU A 324 -0.50 -8.42 16.85
CA GLU A 324 -1.94 -8.18 16.75
C GLU A 324 -2.62 -9.27 15.92
N ALA A 325 -2.02 -9.62 14.78
CA ALA A 325 -2.60 -10.68 13.95
C ALA A 325 -2.66 -12.01 14.69
N ALA A 326 -1.60 -12.34 15.42
CA ALA A 326 -1.61 -13.56 16.22
C ALA A 326 -2.75 -13.53 17.24
N ARG A 327 -2.96 -12.39 17.89
CA ARG A 327 -4.07 -12.28 18.83
C ARG A 327 -5.40 -12.45 18.14
N GLU A 328 -5.54 -11.89 16.93
CA GLU A 328 -6.79 -12.03 16.19
C GLU A 328 -7.05 -13.49 15.85
N ILE A 329 -6.01 -14.24 15.49
CA ILE A 329 -6.17 -15.68 15.28
C ILE A 329 -6.60 -16.35 16.58
N ARG A 330 -5.98 -15.98 17.70
CA ARG A 330 -6.34 -16.56 18.99
CA ARG A 330 -6.34 -16.56 18.99
C ARG A 330 -7.80 -16.29 19.30
N ARG A 331 -8.26 -15.05 19.09
CA ARG A 331 -9.64 -14.71 19.39
C ARG A 331 -10.60 -15.53 18.54
N ALA A 332 -10.24 -15.85 17.31
CA ALA A 332 -11.13 -16.60 16.43
C ALA A 332 -11.23 -18.06 16.86
N ILE A 333 -10.12 -18.64 17.30
CA ILE A 333 -10.12 -20.06 17.68
C ILE A 333 -10.84 -20.25 19.01
N THR A 334 -10.53 -19.40 19.99
CA THR A 334 -11.05 -19.57 21.34
C THR A 334 -12.39 -18.88 21.54
N GLY A 335 -12.81 -18.02 20.63
CA GLY A 335 -14.07 -17.32 20.77
C GLY A 335 -15.06 -17.64 19.67
N ARG A 336 -16.04 -16.76 19.46
CA ARG A 336 -17.09 -16.95 18.48
C ARG A 336 -16.86 -16.01 17.30
N ILE A 337 -16.90 -16.56 16.09
CA ILE A 337 -16.75 -15.78 14.87
C ILE A 337 -18.12 -15.26 14.45
N PRO A 338 -18.25 -13.99 14.00
CA PRO A 338 -17.21 -12.96 13.92
C PRO A 338 -17.23 -11.99 15.10
N ASP A 339 -17.98 -12.37 16.14
CA ASP A 339 -18.23 -11.44 17.24
C ASP A 339 -16.95 -11.10 17.98
N SER A 340 -16.04 -12.06 18.14
CA SER A 340 -14.84 -11.83 18.93
C SER A 340 -13.77 -11.07 18.16
N LEU A 341 -13.86 -11.01 16.83
CA LEU A 341 -12.82 -10.41 16.02
C LEU A 341 -12.86 -8.89 16.13
N LYS A 342 -11.68 -8.27 16.17
CA LYS A 342 -11.57 -6.83 16.31
C LYS A 342 -11.39 -6.10 14.97
N ASN A 343 -11.01 -6.80 13.92
CA ASN A 343 -10.77 -6.17 12.63
C ASN A 343 -11.21 -7.07 11.48
N CYS A 344 -12.42 -7.60 11.58
CA CYS A 344 -13.01 -8.36 10.49
C CYS A 344 -13.48 -7.38 9.40
N VAL A 345 -13.17 -7.70 8.15
CA VAL A 345 -13.41 -6.80 7.03
C VAL A 345 -14.49 -7.33 6.10
N ASN A 346 -15.11 -8.46 6.44
CA ASN A 346 -16.17 -9.03 5.61
C ASN A 346 -17.33 -9.51 6.46
N LYS A 347 -17.63 -8.76 7.52
CA LYS A 347 -18.79 -9.07 8.35
C LYS A 347 -20.06 -9.12 7.53
N ASP A 348 -20.16 -8.24 6.52
CA ASP A 348 -21.37 -8.18 5.70
C ASP A 348 -21.53 -9.44 4.86
N HIS A 349 -20.44 -9.90 4.23
CA HIS A 349 -20.49 -11.09 3.39
C HIS A 349 -20.44 -12.39 4.18
N LEU A 350 -20.27 -12.32 5.49
CA LEU A 350 -20.14 -13.51 6.32
C LEU A 350 -21.51 -13.99 6.83
#